data_3VU8
#
_entry.id   3VU8
#
_cell.length_a   50.823
_cell.length_b   82.682
_cell.length_c   120.165
_cell.angle_alpha   90.00
_cell.angle_beta   90.00
_cell.angle_gamma   90.00
#
_symmetry.space_group_name_H-M   'P 21 21 21'
#
loop_
_entity.id
_entity.type
_entity.pdbx_description
1 polymer 'Methionine--tRNA ligase'
2 non-polymer 'ZINC ION'
3 non-polymer "N-[METHIONYL]-N'-[ADENOSYL]-DIAMINOSULFONE"
4 water water
#
_entity_poly.entity_id   1
_entity_poly.type   'polypeptide(L)'
_entity_poly.pdbx_seq_one_letter_code
;MEKVFYVTTPIYYVNAEPHLGHAYTTVVADFLARWHRLDGYRTFFLTGTDEHGETVYRAAQAAGEDPKAFVDRVSGRFKR
AWDLLGIAYDDFIRTTEERHKKVVQLVLKKVYEAGDIYYGEYEGLYCVSCERFYTEKELVEGLCPIHGRPVERRKEGNYF
FRMEKYRPWLQEYIQENPDLIRPEGYRNEVLAMLAEPIGDLSISRPKSRVPWGIPLPWDENHVTYVWFDALLNYVSALDY
PEGEAYRTFWPHAWHLIGKDILKPHAVFWPTMLKAAGIPMYRHLNVGGFLLGPDGRKMSKTLGNVVDPFALLEKYGRDAL
RYYLLREIPYGQDTPVSEEALRTRYEADLADDLGNLVQRTRAMLFRFAEGRIPEPVAGEELAEGTGLAGRLRPLVRELKF
HVALEEAMAYVKALNRYINEKKPWELFKKEPEEARAVLYRVVEGLRIASILLTPAMPDKMAELRRALGLKEEVRLEEAER
WGLAEPRPIPEEAPVLFPKKEA
;
_entity_poly.pdbx_strand_id   A
#
# COMPACT_ATOMS: atom_id res chain seq x y z
N MET A 1 14.57 18.40 0.87
CA MET A 1 14.58 19.73 0.19
C MET A 1 13.44 19.85 -0.83
N GLU A 2 13.72 19.46 -2.07
CA GLU A 2 12.75 19.53 -3.15
C GLU A 2 11.67 18.45 -3.06
N LYS A 3 11.42 17.80 -4.20
CA LYS A 3 10.42 16.74 -4.31
C LYS A 3 10.73 15.55 -3.41
N VAL A 4 9.95 15.39 -2.34
CA VAL A 4 10.14 14.27 -1.42
C VAL A 4 8.82 13.55 -1.20
N PHE A 5 8.88 12.22 -1.22
CA PHE A 5 7.70 11.39 -1.00
C PHE A 5 7.94 10.35 0.08
N TYR A 6 6.96 10.18 0.96
CA TYR A 6 7.06 9.20 2.03
C TYR A 6 5.70 8.53 2.22
N VAL A 7 5.70 7.21 2.17
CA VAL A 7 4.49 6.44 2.34
C VAL A 7 4.73 5.23 3.26
N THR A 8 3.72 4.89 4.05
CA THR A 8 3.80 3.76 4.96
C THR A 8 2.54 2.92 4.87
N THR A 9 2.66 1.66 5.29
CA THR A 9 1.53 0.75 5.35
C THR A 9 1.43 0.43 6.84
N PRO A 10 0.30 -0.08 7.29
CA PRO A 10 0.32 -0.35 8.72
C PRO A 10 1.39 -1.43 8.99
N ILE A 11 1.68 -1.71 10.26
CA ILE A 11 2.62 -2.79 10.54
C ILE A 11 1.65 -3.89 10.92
N TYR A 12 1.80 -5.04 10.26
CA TYR A 12 0.90 -6.16 10.49
C TYR A 12 1.22 -7.10 11.64
N TYR A 13 0.17 -7.59 12.29
CA TYR A 13 0.33 -8.52 13.39
C TYR A 13 1.15 -9.68 12.86
N VAL A 14 2.36 -9.81 13.39
CA VAL A 14 3.32 -10.84 12.97
C VAL A 14 2.81 -12.28 12.92
N ASN A 15 1.85 -12.63 13.76
CA ASN A 15 1.33 -14.00 13.76
C ASN A 15 0.03 -14.10 12.96
N ALA A 16 -0.25 -13.07 12.16
CA ALA A 16 -1.44 -13.05 11.33
C ALA A 16 -1.03 -13.56 9.94
N GLU A 17 -1.83 -14.43 9.36
CA GLU A 17 -1.55 -15.00 8.03
C GLU A 17 -1.80 -13.95 6.96
N PRO A 18 -0.76 -13.63 6.17
CA PRO A 18 -0.91 -12.63 5.10
C PRO A 18 -2.13 -12.89 4.24
N HIS A 19 -3.00 -11.88 4.12
CA HIS A 19 -4.20 -12.01 3.32
C HIS A 19 -4.41 -10.89 2.31
N LEU A 20 -5.51 -10.96 1.58
CA LEU A 20 -5.88 -9.98 0.56
C LEU A 20 -5.81 -8.53 1.06
N GLY A 21 -6.28 -8.30 2.28
CA GLY A 21 -6.24 -6.98 2.86
C GLY A 21 -4.82 -6.49 2.99
N HIS A 22 -3.96 -7.31 3.58
CA HIS A 22 -2.55 -6.91 3.73
C HIS A 22 -2.01 -6.67 2.32
N ALA A 23 -2.21 -7.64 1.43
CA ALA A 23 -1.72 -7.56 0.05
C ALA A 23 -2.13 -6.28 -0.66
N TYR A 24 -3.42 -5.96 -0.63
CA TYR A 24 -3.96 -4.77 -1.27
C TYR A 24 -3.25 -3.47 -0.83
N THR A 25 -3.30 -3.18 0.47
CA THR A 25 -2.65 -1.98 1.02
C THR A 25 -1.18 -1.84 0.63
N THR A 26 -0.40 -2.91 0.77
CA THR A 26 1.01 -2.88 0.41
C THR A 26 1.26 -2.68 -1.09
N VAL A 27 0.32 -3.15 -1.91
CA VAL A 27 0.41 -3.02 -3.37
C VAL A 27 0.11 -1.57 -3.76
N VAL A 28 -0.89 -0.97 -3.14
CA VAL A 28 -1.22 0.43 -3.41
C VAL A 28 -0.04 1.30 -2.97
N ALA A 29 0.39 1.11 -1.72
CA ALA A 29 1.50 1.88 -1.17
C ALA A 29 2.70 1.79 -2.08
N ASP A 30 2.92 0.61 -2.64
CA ASP A 30 4.05 0.37 -3.54
C ASP A 30 3.87 1.07 -4.89
N PHE A 31 2.64 1.17 -5.36
CA PHE A 31 2.38 1.83 -6.65
C PHE A 31 2.76 3.29 -6.50
N LEU A 32 2.38 3.86 -5.35
CA LEU A 32 2.66 5.25 -5.00
C LEU A 32 4.15 5.54 -4.88
N ALA A 33 4.90 4.67 -4.20
CA ALA A 33 6.34 4.86 -4.05
C ALA A 33 7.01 4.71 -5.40
N ARG A 34 6.58 3.71 -6.18
CA ARG A 34 7.12 3.46 -7.51
C ARG A 34 6.83 4.60 -8.47
N TRP A 35 5.65 5.18 -8.35
CA TRP A 35 5.23 6.29 -9.21
C TRP A 35 6.07 7.54 -8.94
N HIS A 36 6.24 7.89 -7.68
CA HIS A 36 7.01 9.09 -7.35
C HIS A 36 8.51 8.92 -7.62
N ARG A 37 9.02 7.71 -7.43
CA ARG A 37 10.43 7.47 -7.70
C ARG A 37 10.68 7.72 -9.20
N LEU A 38 9.74 7.28 -10.02
CA LEU A 38 9.79 7.46 -11.47
C LEU A 38 9.68 8.94 -11.82
N ASP A 39 9.01 9.69 -10.95
CA ASP A 39 8.80 11.12 -11.13
C ASP A 39 9.85 12.01 -10.48
N GLY A 40 11.04 11.45 -10.25
CA GLY A 40 12.15 12.20 -9.68
C GLY A 40 12.06 12.55 -8.21
N TYR A 41 11.23 11.84 -7.46
CA TYR A 41 11.08 12.12 -6.04
C TYR A 41 12.09 11.35 -5.20
N ARG A 42 12.51 11.92 -4.08
CA ARG A 42 13.41 11.25 -3.13
C ARG A 42 12.33 10.52 -2.35
N THR A 43 12.33 9.19 -2.44
CA THR A 43 11.24 8.41 -1.83
C THR A 43 11.61 7.43 -0.70
N PHE A 44 10.72 7.33 0.29
CA PHE A 44 10.90 6.36 1.37
C PHE A 44 9.58 5.63 1.57
N PHE A 45 9.61 4.32 1.35
CA PHE A 45 8.43 3.45 1.48
C PHE A 45 8.67 2.47 2.63
N LEU A 46 7.84 2.55 3.66
CA LEU A 46 8.02 1.67 4.81
C LEU A 46 6.82 0.75 5.11
N THR A 47 7.13 -0.46 5.56
CA THR A 47 6.13 -1.45 5.94
C THR A 47 6.79 -2.21 7.10
N GLY A 48 6.10 -3.19 7.69
CA GLY A 48 6.69 -3.91 8.80
C GLY A 48 5.72 -4.80 9.54
N THR A 49 6.12 -5.30 10.71
CA THR A 49 5.29 -6.19 11.51
C THR A 49 5.15 -5.81 12.99
N ASP A 50 3.97 -6.12 13.54
CA ASP A 50 3.60 -5.88 14.93
C ASP A 50 3.95 -7.15 15.71
N GLU A 51 5.13 -7.17 16.34
CA GLU A 51 5.62 -8.36 17.00
C GLU A 51 5.43 -8.63 18.49
N HIS A 52 4.89 -7.69 19.25
CA HIS A 52 4.73 -7.95 20.68
C HIS A 52 3.35 -8.42 21.09
N GLY A 53 3.17 -8.59 22.41
CA GLY A 53 1.90 -9.03 22.94
C GLY A 53 1.98 -10.34 23.69
N GLU A 54 0.87 -10.74 24.29
CA GLU A 54 0.83 -11.99 25.05
C GLU A 54 0.28 -13.14 24.23
N THR A 55 -0.65 -12.84 23.31
CA THR A 55 -1.23 -13.90 22.49
C THR A 55 -0.14 -14.44 21.57
N VAL A 56 0.73 -13.55 21.12
CA VAL A 56 1.83 -13.94 20.26
C VAL A 56 2.78 -14.69 21.19
N TYR A 57 2.91 -14.17 22.41
CA TYR A 57 3.79 -14.77 23.39
C TYR A 57 3.40 -16.21 23.70
N ARG A 58 2.13 -16.45 23.94
CA ARG A 58 1.62 -17.78 24.26
C ARG A 58 1.85 -18.76 23.11
N ALA A 59 1.61 -18.29 21.89
CA ALA A 59 1.76 -19.08 20.68
C ALA A 59 3.18 -19.62 20.51
N ALA A 60 4.17 -18.82 20.89
CA ALA A 60 5.57 -19.21 20.80
C ALA A 60 5.92 -20.26 21.86
N GLN A 61 5.28 -20.13 23.02
CA GLN A 61 5.46 -21.02 24.16
C GLN A 61 4.92 -22.44 23.93
N ALA A 62 3.79 -22.52 23.24
CA ALA A 62 3.15 -23.80 22.92
C ALA A 62 4.12 -24.75 22.22
N ALA A 63 4.90 -24.22 21.29
CA ALA A 63 5.87 -25.01 20.53
C ALA A 63 7.20 -25.07 21.26
N GLY A 64 7.22 -24.58 22.50
CA GLY A 64 8.45 -24.56 23.27
C GLY A 64 9.49 -23.65 22.66
N GLU A 65 9.06 -22.56 22.04
CA GLU A 65 10.02 -21.64 21.43
C GLU A 65 10.21 -20.31 22.15
N ASP A 66 11.36 -19.71 21.90
CA ASP A 66 11.70 -18.41 22.46
C ASP A 66 10.91 -17.42 21.61
N PRO A 67 10.14 -16.54 22.26
CA PRO A 67 9.34 -15.52 21.56
C PRO A 67 10.07 -14.79 20.43
N LYS A 68 11.33 -14.42 20.67
CA LYS A 68 12.13 -13.71 19.68
C LYS A 68 12.47 -14.57 18.45
N ALA A 69 12.72 -15.85 18.66
CA ALA A 69 13.02 -16.74 17.54
C ALA A 69 11.74 -17.03 16.75
N PHE A 70 10.61 -17.11 17.47
CA PHE A 70 9.31 -17.37 16.89
C PHE A 70 8.85 -16.22 15.98
N VAL A 71 9.23 -15.01 16.33
CA VAL A 71 8.84 -13.85 15.52
C VAL A 71 9.83 -13.61 14.37
N ASP A 72 11.05 -14.04 14.55
CA ASP A 72 12.03 -13.89 13.49
C ASP A 72 11.56 -14.77 12.36
N ARG A 73 10.86 -15.83 12.72
CA ARG A 73 10.35 -16.82 11.79
C ARG A 73 9.01 -16.51 11.13
N VAL A 74 7.98 -16.29 11.93
CA VAL A 74 6.66 -16.00 11.37
C VAL A 74 6.55 -14.63 10.71
N SER A 75 7.55 -13.78 10.92
CA SER A 75 7.57 -12.45 10.31
C SER A 75 8.09 -12.60 8.89
N GLY A 76 8.70 -13.75 8.61
CA GLY A 76 9.23 -14.01 7.29
C GLY A 76 8.11 -14.33 6.31
N ARG A 77 6.93 -14.57 6.84
CA ARG A 77 5.76 -14.87 6.04
C ARG A 77 5.32 -13.66 5.24
N PHE A 78 5.45 -12.49 5.85
CA PHE A 78 5.07 -11.23 5.22
C PHE A 78 6.15 -10.79 4.27
N LYS A 79 7.40 -11.10 4.63
CA LYS A 79 8.53 -10.76 3.79
C LYS A 79 8.51 -11.58 2.50
N ARG A 80 8.13 -12.85 2.60
CA ARG A 80 8.06 -13.71 1.43
C ARG A 80 6.92 -13.25 0.53
N ALA A 81 5.81 -12.91 1.15
CA ALA A 81 4.65 -12.43 0.40
C ALA A 81 4.94 -11.14 -0.37
N TRP A 82 5.79 -10.27 0.20
CA TRP A 82 6.11 -9.00 -0.46
C TRP A 82 7.10 -9.25 -1.59
N ASP A 83 7.94 -10.27 -1.44
CA ASP A 83 8.87 -10.65 -2.49
C ASP A 83 7.97 -11.13 -3.63
N LEU A 84 7.11 -12.10 -3.33
CA LEU A 84 6.17 -12.67 -4.29
C LEU A 84 5.41 -11.58 -5.03
N LEU A 85 4.88 -10.62 -4.28
CA LEU A 85 4.10 -9.51 -4.83
C LEU A 85 4.94 -8.40 -5.48
N GLY A 86 6.25 -8.60 -5.57
CA GLY A 86 7.11 -7.61 -6.19
C GLY A 86 6.98 -6.24 -5.54
N ILE A 87 7.02 -6.21 -4.21
CA ILE A 87 6.92 -4.97 -3.46
C ILE A 87 8.33 -4.44 -3.18
N ALA A 88 8.61 -3.22 -3.61
CA ALA A 88 9.94 -2.65 -3.41
C ALA A 88 9.98 -1.59 -2.30
N TYR A 89 9.90 -2.04 -1.05
CA TYR A 89 9.93 -1.11 0.08
C TYR A 89 11.38 -0.73 0.34
N ASP A 90 11.59 0.29 1.15
CA ASP A 90 12.93 0.72 1.47
C ASP A 90 13.37 0.13 2.79
N ASP A 91 12.38 -0.18 3.63
CA ASP A 91 12.67 -0.71 4.95
C ASP A 91 11.49 -1.54 5.44
N PHE A 92 11.79 -2.45 6.35
CA PHE A 92 10.80 -3.32 6.96
C PHE A 92 11.15 -3.20 8.44
N ILE A 93 10.36 -2.41 9.18
CA ILE A 93 10.61 -2.23 10.61
C ILE A 93 9.91 -3.34 11.40
N ARG A 94 10.62 -3.93 12.35
CA ARG A 94 10.08 -4.99 13.20
C ARG A 94 10.06 -4.39 14.59
N THR A 95 8.96 -4.54 15.32
CA THR A 95 8.91 -3.91 16.63
C THR A 95 9.88 -4.43 17.69
N THR A 96 10.60 -5.51 17.39
CA THR A 96 11.57 -6.07 18.32
C THR A 96 12.95 -5.46 18.09
N GLU A 97 13.10 -4.69 17.03
CA GLU A 97 14.38 -4.06 16.76
C GLU A 97 14.72 -3.06 17.88
N GLU A 98 16.02 -2.91 18.16
CA GLU A 98 16.50 -2.02 19.21
C GLU A 98 16.29 -0.56 18.88
N ARG A 99 16.43 -0.22 17.61
CA ARG A 99 16.23 1.15 17.19
C ARG A 99 14.77 1.54 17.42
N HIS A 100 13.91 0.54 17.53
CA HIS A 100 12.51 0.79 17.76
C HIS A 100 12.22 0.94 19.23
N LYS A 101 12.80 0.07 20.04
CA LYS A 101 12.60 0.13 21.47
C LYS A 101 13.10 1.46 22.01
N LYS A 102 14.24 1.90 21.49
CA LYS A 102 14.83 3.16 21.92
C LYS A 102 13.92 4.37 21.68
N VAL A 103 13.23 4.40 20.53
CA VAL A 103 12.34 5.51 20.21
C VAL A 103 11.05 5.46 21.05
N VAL A 104 10.53 4.25 21.25
CA VAL A 104 9.32 4.06 22.03
C VAL A 104 9.50 4.63 23.43
N GLN A 105 10.54 4.16 24.13
CA GLN A 105 10.82 4.61 25.49
C GLN A 105 11.23 6.07 25.55
N LEU A 106 11.80 6.54 24.45
CA LEU A 106 12.25 7.91 24.30
C LEU A 106 11.03 8.85 24.27
N VAL A 107 10.05 8.48 23.46
CA VAL A 107 8.83 9.27 23.32
C VAL A 107 7.96 9.12 24.56
N LEU A 108 7.93 7.94 25.15
CA LEU A 108 7.14 7.70 26.37
C LEU A 108 7.68 8.56 27.51
N LYS A 109 9.01 8.65 27.60
CA LYS A 109 9.69 9.44 28.62
C LYS A 109 9.41 10.92 28.41
N LYS A 110 9.23 11.31 27.15
CA LYS A 110 8.93 12.69 26.79
C LYS A 110 7.53 13.05 27.31
N VAL A 111 6.56 12.23 26.95
CA VAL A 111 5.18 12.43 27.33
C VAL A 111 5.01 12.31 28.84
N TYR A 112 5.78 11.42 29.44
CA TYR A 112 5.72 11.24 30.88
C TYR A 112 6.23 12.48 31.62
N GLU A 113 7.40 12.98 31.21
CA GLU A 113 7.99 14.15 31.86
C GLU A 113 7.19 15.43 31.62
N ALA A 114 6.27 15.38 30.66
CA ALA A 114 5.44 16.53 30.33
C ALA A 114 4.20 16.51 31.23
N GLY A 115 3.94 15.35 31.84
CA GLY A 115 2.81 15.21 32.73
C GLY A 115 1.54 14.62 32.12
N ASP A 116 1.65 14.04 30.94
CA ASP A 116 0.50 13.46 30.28
C ASP A 116 0.23 12.00 30.61
N ILE A 117 1.09 11.39 31.41
CA ILE A 117 0.88 10.01 31.79
C ILE A 117 0.65 9.88 33.29
N TYR A 118 -0.38 9.13 33.66
CA TYR A 118 -0.70 8.92 35.06
C TYR A 118 -1.10 7.48 35.31
N TYR A 119 -1.05 7.08 36.58
CA TYR A 119 -1.40 5.72 36.99
C TYR A 119 -2.80 5.70 37.58
N GLY A 120 -3.57 4.69 37.20
CA GLY A 120 -4.92 4.57 37.71
C GLY A 120 -5.37 3.12 37.75
N GLU A 121 -6.68 2.92 37.62
CA GLU A 121 -7.23 1.58 37.64
C GLU A 121 -8.11 1.36 36.42
N TYR A 122 -8.03 0.17 35.86
CA TYR A 122 -8.84 -0.18 34.70
C TYR A 122 -9.76 -1.31 35.16
N GLU A 123 -11.04 -0.99 35.33
CA GLU A 123 -12.00 -2.01 35.75
C GLU A 123 -12.79 -2.48 34.54
N GLY A 124 -13.55 -3.55 34.70
CA GLY A 124 -14.35 -4.05 33.58
C GLY A 124 -14.39 -5.56 33.42
N LEU A 125 -15.17 -6.01 32.44
CA LEU A 125 -15.32 -7.43 32.15
C LEU A 125 -13.94 -7.99 31.81
N TYR A 126 -13.62 -9.15 32.38
CA TYR A 126 -12.31 -9.74 32.18
C TYR A 126 -12.32 -11.26 32.06
N CYS A 127 -11.38 -11.81 31.29
CA CYS A 127 -11.24 -13.25 31.16
C CYS A 127 -9.86 -13.61 31.71
N VAL A 128 -9.85 -14.47 32.71
CA VAL A 128 -8.61 -14.88 33.38
C VAL A 128 -7.77 -15.88 32.58
N SER A 129 -8.40 -16.55 31.62
CA SER A 129 -7.71 -17.52 30.79
C SER A 129 -7.07 -16.77 29.63
N CYS A 130 -7.66 -15.62 29.31
CA CYS A 130 -7.17 -14.77 28.23
C CYS A 130 -6.25 -13.77 28.89
N GLU A 131 -6.60 -13.43 30.12
CA GLU A 131 -5.86 -12.43 30.89
C GLU A 131 -6.01 -11.13 30.11
N ARG A 132 -7.25 -10.85 29.71
CA ARG A 132 -7.52 -9.64 28.96
C ARG A 132 -8.96 -9.17 29.10
N PHE A 133 -9.13 -7.86 29.13
CA PHE A 133 -10.43 -7.23 29.25
C PHE A 133 -11.14 -7.24 27.90
N TYR A 134 -12.46 -7.12 27.94
CA TYR A 134 -13.27 -7.10 26.72
C TYR A 134 -14.42 -6.13 26.92
N THR A 135 -15.17 -5.89 25.85
CA THR A 135 -16.34 -5.01 25.92
C THR A 135 -17.56 -5.89 25.62
N GLU A 136 -18.74 -5.29 25.62
CA GLU A 136 -19.94 -6.06 25.33
C GLU A 136 -19.82 -6.66 23.93
N LYS A 137 -19.40 -5.83 22.99
CA LYS A 137 -19.25 -6.24 21.59
C LYS A 137 -18.22 -7.35 21.42
N GLU A 138 -17.02 -7.11 21.97
CA GLU A 138 -15.92 -8.08 21.88
C GLU A 138 -16.33 -9.48 22.34
N LEU A 139 -16.59 -9.62 23.63
CA LEU A 139 -17.01 -10.90 24.17
C LEU A 139 -18.27 -11.31 23.43
N VAL A 140 -18.31 -12.53 22.91
CA VAL A 140 -19.47 -13.00 22.18
C VAL A 140 -20.68 -12.99 23.12
N GLU A 141 -21.20 -11.79 23.37
CA GLU A 141 -22.36 -11.56 24.25
C GLU A 141 -22.72 -12.75 25.13
N GLY A 142 -22.18 -12.76 26.35
CA GLY A 142 -22.47 -13.84 27.28
C GLY A 142 -21.22 -14.57 27.74
N LEU A 143 -20.19 -14.58 26.90
CA LEU A 143 -18.95 -15.25 27.26
C LEU A 143 -17.75 -14.77 26.44
N CYS A 144 -16.61 -15.38 26.72
CA CYS A 144 -15.36 -15.05 26.04
C CYS A 144 -15.36 -15.44 24.56
N PRO A 145 -14.81 -14.58 23.72
CA PRO A 145 -14.75 -14.83 22.28
C PRO A 145 -13.72 -15.90 21.91
N ILE A 146 -12.73 -16.08 22.78
CA ILE A 146 -11.67 -17.07 22.52
C ILE A 146 -11.78 -18.33 23.35
N HIS A 147 -12.34 -18.21 24.56
CA HIS A 147 -12.47 -19.37 25.44
C HIS A 147 -13.91 -19.83 25.63
N GLY A 148 -14.86 -19.01 25.18
CA GLY A 148 -16.27 -19.37 25.30
C GLY A 148 -16.70 -19.69 26.72
N ARG A 149 -16.46 -18.75 27.62
CA ARG A 149 -16.81 -18.90 29.02
C ARG A 149 -17.11 -17.51 29.60
N PRO A 150 -18.05 -17.43 30.56
CA PRO A 150 -18.42 -16.15 31.18
C PRO A 150 -17.23 -15.28 31.60
N VAL A 151 -17.39 -13.97 31.37
CA VAL A 151 -16.35 -13.00 31.71
C VAL A 151 -16.51 -12.62 33.18
N GLU A 152 -15.53 -11.91 33.71
CA GLU A 152 -15.57 -11.50 35.12
C GLU A 152 -15.13 -10.05 35.34
N ARG A 153 -15.94 -9.30 36.06
CA ARG A 153 -15.64 -7.90 36.35
C ARG A 153 -14.39 -7.79 37.22
N ARG A 154 -13.41 -7.04 36.74
CA ARG A 154 -12.15 -6.86 37.46
C ARG A 154 -11.45 -5.54 37.16
N LYS A 155 -10.60 -5.10 38.09
CA LYS A 155 -9.84 -3.87 37.93
C LYS A 155 -8.36 -4.22 37.83
N GLU A 156 -7.61 -3.49 37.01
CA GLU A 156 -6.19 -3.72 36.84
C GLU A 156 -5.44 -2.41 36.94
N GLY A 157 -4.18 -2.47 37.38
CA GLY A 157 -3.36 -1.29 37.51
C GLY A 157 -2.66 -0.97 36.21
N ASN A 158 -2.95 0.19 35.65
CA ASN A 158 -2.36 0.62 34.38
C ASN A 158 -1.94 2.07 34.43
N TYR A 159 -1.20 2.48 33.41
CA TYR A 159 -0.75 3.85 33.24
C TYR A 159 -1.57 4.39 32.08
N PHE A 160 -2.02 5.63 32.18
CA PHE A 160 -2.84 6.24 31.14
C PHE A 160 -2.19 7.46 30.52
N PHE A 161 -2.72 7.90 29.38
CA PHE A 161 -2.23 9.06 28.65
C PHE A 161 -3.43 10.01 28.53
N ARG A 162 -3.21 11.27 28.93
CA ARG A 162 -4.26 12.28 28.86
C ARG A 162 -4.62 12.56 27.41
N MET A 163 -5.40 11.66 26.83
CA MET A 163 -5.80 11.79 25.45
C MET A 163 -6.91 12.82 25.27
N GLU A 164 -7.94 12.76 26.13
CA GLU A 164 -9.06 13.70 26.01
C GLU A 164 -8.56 15.15 26.02
N LYS A 165 -7.43 15.36 26.69
CA LYS A 165 -6.81 16.68 26.82
C LYS A 165 -6.52 17.32 25.47
N TYR A 166 -6.30 16.49 24.46
CA TYR A 166 -5.97 16.96 23.12
C TYR A 166 -7.09 16.88 22.10
N ARG A 167 -8.30 16.57 22.52
CA ARG A 167 -9.41 16.45 21.57
C ARG A 167 -9.77 17.77 20.89
N PRO A 168 -10.00 18.84 21.67
CA PRO A 168 -10.35 20.12 21.05
C PRO A 168 -9.32 20.58 20.01
N TRP A 169 -8.05 20.28 20.25
CA TRP A 169 -7.01 20.68 19.31
C TRP A 169 -7.10 19.83 18.04
N LEU A 170 -7.32 18.53 18.23
CA LEU A 170 -7.42 17.61 17.12
C LEU A 170 -8.60 17.96 16.24
N GLN A 171 -9.74 18.18 16.89
CA GLN A 171 -10.97 18.51 16.21
C GLN A 171 -10.83 19.75 15.34
N GLU A 172 -10.30 20.82 15.92
CA GLU A 172 -10.11 22.05 15.17
C GLU A 172 -9.09 21.88 14.04
N TYR A 173 -8.09 21.05 14.28
CA TYR A 173 -7.04 20.80 13.30
C TYR A 173 -7.58 20.15 12.03
N ILE A 174 -8.41 19.13 12.20
CA ILE A 174 -8.99 18.44 11.06
C ILE A 174 -10.00 19.33 10.32
N GLN A 175 -10.67 20.21 11.06
CA GLN A 175 -11.64 21.11 10.46
C GLN A 175 -10.89 22.13 9.61
N GLU A 176 -9.75 22.59 10.11
CA GLU A 176 -8.92 23.57 9.42
C GLU A 176 -8.13 22.93 8.30
N ASN A 177 -7.88 21.64 8.39
CA ASN A 177 -7.13 20.90 7.36
C ASN A 177 -8.05 19.81 6.78
N PRO A 178 -8.99 20.20 5.92
CA PRO A 178 -9.97 19.31 5.28
C PRO A 178 -9.45 18.07 4.52
N ASP A 179 -8.25 18.17 3.94
CA ASP A 179 -7.68 17.05 3.17
C ASP A 179 -6.84 16.06 3.98
N LEU A 180 -6.77 16.26 5.30
CA LEU A 180 -6.00 15.40 6.20
C LEU A 180 -6.39 13.94 6.06
N ILE A 181 -7.68 13.68 6.28
CA ILE A 181 -8.27 12.34 6.19
C ILE A 181 -8.80 12.31 4.76
N ARG A 182 -8.11 11.54 3.92
CA ARG A 182 -8.43 11.47 2.50
C ARG A 182 -9.84 11.19 2.00
N PRO A 183 -10.18 9.91 1.67
CA PRO A 183 -11.57 9.87 1.21
C PRO A 183 -12.46 10.62 2.21
N GLU A 184 -13.12 11.65 1.72
CA GLU A 184 -13.98 12.51 2.51
C GLU A 184 -14.88 11.79 3.49
N GLY A 185 -15.52 10.72 3.00
CA GLY A 185 -16.43 9.96 3.84
C GLY A 185 -15.88 9.62 5.20
N TYR A 186 -14.59 9.31 5.25
CA TYR A 186 -13.93 8.95 6.50
C TYR A 186 -13.57 10.16 7.35
N ARG A 187 -13.55 11.33 6.73
CA ARG A 187 -13.22 12.57 7.46
C ARG A 187 -14.38 12.93 8.37
N ASN A 188 -15.59 12.88 7.81
CA ASN A 188 -16.78 13.19 8.58
C ASN A 188 -16.97 12.18 9.71
N GLU A 189 -16.63 10.94 9.43
CA GLU A 189 -16.72 9.84 10.38
C GLU A 189 -15.90 10.22 11.61
N VAL A 190 -14.65 10.59 11.37
CA VAL A 190 -13.72 10.98 12.42
C VAL A 190 -14.17 12.25 13.13
N LEU A 191 -14.60 13.24 12.37
CA LEU A 191 -15.07 14.50 12.93
C LEU A 191 -16.22 14.29 13.91
N ALA A 192 -16.93 13.18 13.73
CA ALA A 192 -18.06 12.83 14.58
C ALA A 192 -17.58 12.21 15.88
N MET A 193 -16.47 11.49 15.82
CA MET A 193 -15.91 10.85 17.00
C MET A 193 -15.39 11.96 17.90
N LEU A 194 -14.87 13.01 17.28
CA LEU A 194 -14.29 14.15 18.00
C LEU A 194 -15.31 15.11 18.55
N ALA A 195 -16.57 14.93 18.18
CA ALA A 195 -17.62 15.80 18.68
C ALA A 195 -17.93 15.36 20.11
N GLU A 196 -17.60 14.11 20.39
CA GLU A 196 -17.83 13.53 21.71
C GLU A 196 -16.51 13.22 22.39
N PRO A 197 -16.52 13.17 23.72
CA PRO A 197 -15.28 12.86 24.45
C PRO A 197 -14.63 11.59 23.92
N ILE A 198 -13.31 11.57 23.91
CA ILE A 198 -12.57 10.42 23.42
C ILE A 198 -11.91 9.68 24.59
N GLY A 199 -11.98 10.30 25.77
CA GLY A 199 -11.39 9.70 26.95
C GLY A 199 -9.87 9.68 26.97
N ASP A 200 -9.32 8.97 27.95
CA ASP A 200 -7.89 8.83 28.14
C ASP A 200 -7.47 7.48 27.59
N LEU A 201 -6.20 7.35 27.26
CA LEU A 201 -5.69 6.11 26.67
C LEU A 201 -4.83 5.25 27.57
N SER A 202 -5.28 4.01 27.81
CA SER A 202 -4.51 3.07 28.61
C SER A 202 -3.34 2.63 27.72
N ILE A 203 -2.12 2.81 28.20
CA ILE A 203 -0.94 2.50 27.40
C ILE A 203 -0.01 1.40 27.87
N SER A 204 -0.38 0.70 28.93
CA SER A 204 0.48 -0.36 29.43
C SER A 204 -0.32 -1.43 30.16
N ARG A 205 0.39 -2.46 30.59
CA ARG A 205 -0.19 -3.56 31.34
C ARG A 205 0.93 -4.15 32.17
N PRO A 206 0.60 -4.75 33.33
CA PRO A 206 1.66 -5.34 34.16
C PRO A 206 2.40 -6.43 33.40
N LYS A 207 3.71 -6.49 33.61
CA LYS A 207 4.56 -7.47 32.97
C LYS A 207 4.22 -8.89 33.45
N SER A 208 3.61 -8.99 34.62
CA SER A 208 3.22 -10.29 35.17
C SER A 208 2.07 -10.81 34.31
N ARG A 209 1.38 -9.89 33.65
CA ARG A 209 0.26 -10.20 32.78
C ARG A 209 0.73 -10.29 31.32
N VAL A 210 1.51 -9.32 30.89
CA VAL A 210 2.06 -9.30 29.54
C VAL A 210 3.56 -9.12 29.62
N PRO A 211 4.34 -10.23 29.56
CA PRO A 211 5.80 -10.16 29.64
C PRO A 211 6.50 -9.78 28.34
N TRP A 212 5.80 -9.97 27.23
CA TRP A 212 6.34 -9.70 25.90
C TRP A 212 6.01 -8.28 25.40
N GLY A 213 7.00 -7.40 25.43
CA GLY A 213 6.80 -6.03 24.98
C GLY A 213 7.82 -5.08 25.56
N ILE A 214 7.83 -3.84 25.09
CA ILE A 214 8.79 -2.85 25.57
C ILE A 214 8.37 -2.21 26.90
N PRO A 215 9.22 -2.34 27.94
CA PRO A 215 9.00 -1.82 29.28
C PRO A 215 8.91 -0.30 29.37
N LEU A 216 8.12 0.16 30.34
CA LEU A 216 7.98 1.60 30.55
C LEU A 216 9.29 2.12 31.13
N PRO A 217 9.80 3.22 30.58
CA PRO A 217 11.06 3.79 31.07
C PRO A 217 11.07 4.22 32.55
N TRP A 218 9.90 4.57 33.09
CA TRP A 218 9.80 5.00 34.49
C TRP A 218 9.35 3.87 35.43
N ASP A 219 8.91 2.76 34.84
CA ASP A 219 8.46 1.64 35.65
C ASP A 219 8.66 0.39 34.82
N GLU A 220 9.78 -0.29 35.06
CA GLU A 220 10.13 -1.49 34.34
C GLU A 220 9.20 -2.69 34.60
N ASN A 221 8.33 -2.58 35.61
CA ASN A 221 7.39 -3.65 35.90
C ASN A 221 6.15 -3.56 34.99
N HIS A 222 6.13 -2.52 34.15
CA HIS A 222 5.02 -2.32 33.22
C HIS A 222 5.50 -2.34 31.77
N VAL A 223 4.71 -2.99 30.92
CA VAL A 223 5.04 -3.12 29.53
C VAL A 223 4.12 -2.25 28.64
N THR A 224 4.72 -1.65 27.62
CA THR A 224 4.01 -0.80 26.66
C THR A 224 3.01 -1.65 25.87
N TYR A 225 1.72 -1.37 26.05
CA TYR A 225 0.67 -2.14 25.39
C TYR A 225 0.01 -1.49 24.19
N VAL A 226 0.36 -2.01 23.01
CA VAL A 226 -0.16 -1.58 21.72
C VAL A 226 0.27 -0.18 21.26
N TRP A 227 -0.68 0.75 21.34
CA TRP A 227 -0.56 2.15 20.91
C TRP A 227 0.81 2.86 20.84
N PHE A 228 1.45 3.08 21.99
CA PHE A 228 2.75 3.74 22.02
C PHE A 228 3.88 2.85 21.53
N ASP A 229 3.54 1.64 21.12
CA ASP A 229 4.53 0.71 20.61
C ASP A 229 4.45 0.68 19.09
N ALA A 230 3.40 0.04 18.58
CA ALA A 230 3.20 -0.11 17.16
C ALA A 230 3.07 1.21 16.40
N LEU A 231 2.34 2.16 16.97
CA LEU A 231 2.15 3.44 16.30
C LEU A 231 3.46 4.17 16.03
N LEU A 232 4.42 4.06 16.95
CA LEU A 232 5.71 4.75 16.82
C LEU A 232 6.67 4.19 15.78
N ASN A 233 6.26 3.18 15.03
CA ASN A 233 7.14 2.61 14.01
C ASN A 233 7.35 3.59 12.85
N TYR A 234 6.39 4.49 12.64
CA TYR A 234 6.45 5.47 11.55
C TYR A 234 7.54 6.50 11.74
N VAL A 235 7.94 6.73 12.99
CA VAL A 235 9.00 7.68 13.30
C VAL A 235 10.26 6.93 13.70
N SER A 236 10.11 5.72 14.23
CA SER A 236 11.24 4.93 14.67
C SER A 236 12.10 4.41 13.50
N ALA A 237 11.47 4.06 12.38
CA ALA A 237 12.20 3.58 11.21
C ALA A 237 13.01 4.72 10.60
N LEU A 238 12.67 5.96 10.97
CA LEU A 238 13.36 7.14 10.48
C LEU A 238 14.38 7.65 11.50
N ASP A 239 14.64 6.85 12.53
CA ASP A 239 15.59 7.21 13.59
C ASP A 239 15.20 8.58 14.17
N TYR A 240 13.89 8.70 14.40
CA TYR A 240 13.17 9.86 14.91
C TYR A 240 13.90 11.08 15.46
N PRO A 241 14.58 10.95 16.61
CA PRO A 241 15.22 12.20 17.04
C PRO A 241 16.28 12.77 16.10
N GLU A 242 17.50 12.23 16.18
CA GLU A 242 18.61 12.75 15.38
C GLU A 242 18.79 12.30 13.94
N GLY A 243 18.21 11.15 13.59
CA GLY A 243 18.35 10.67 12.23
C GLY A 243 17.99 11.70 11.19
N GLU A 244 18.72 11.72 10.08
CA GLU A 244 18.42 12.67 9.01
C GLU A 244 17.19 12.18 8.23
N ALA A 245 16.96 10.87 8.23
CA ALA A 245 15.81 10.32 7.53
C ALA A 245 14.54 10.95 8.08
N TYR A 246 14.51 11.16 9.40
CA TYR A 246 13.38 11.78 10.06
C TYR A 246 13.18 13.22 9.62
N ARG A 247 14.25 13.99 9.60
CA ARG A 247 14.17 15.38 9.18
C ARG A 247 13.71 15.45 7.73
N THR A 248 14.14 14.48 6.92
CA THR A 248 13.80 14.46 5.50
C THR A 248 12.38 14.06 5.09
N PHE A 249 11.93 12.90 5.56
CA PHE A 249 10.63 12.38 5.20
C PHE A 249 9.41 12.68 6.09
N TRP A 250 9.58 12.71 7.41
CA TRP A 250 8.41 12.96 8.26
C TRP A 250 7.51 14.12 7.79
N PRO A 251 8.11 15.25 7.41
CA PRO A 251 7.26 16.36 6.97
C PRO A 251 6.28 15.98 5.84
N HIS A 252 6.54 14.85 5.17
CA HIS A 252 5.70 14.44 4.04
C HIS A 252 4.90 13.14 4.24
N ALA A 253 4.86 12.66 5.47
CA ALA A 253 4.16 11.43 5.83
C ALA A 253 2.78 11.19 5.22
N TRP A 254 2.64 10.06 4.52
CA TRP A 254 1.39 9.62 3.93
C TRP A 254 1.17 8.24 4.52
N HIS A 255 0.20 8.09 5.41
CA HIS A 255 -0.09 6.81 6.02
C HIS A 255 -1.22 6.14 5.25
N LEU A 256 -1.02 4.89 4.81
CA LEU A 256 -2.07 4.16 4.13
C LEU A 256 -2.61 3.15 5.15
N ILE A 257 -3.93 3.07 5.28
CA ILE A 257 -4.57 2.13 6.20
C ILE A 257 -5.96 1.68 5.71
N GLY A 258 -6.46 0.63 6.34
CA GLY A 258 -7.80 0.18 6.02
C GLY A 258 -8.67 0.90 7.01
N LYS A 259 -9.96 1.02 6.74
CA LYS A 259 -10.83 1.72 7.68
C LYS A 259 -10.91 0.98 9.02
N ASP A 260 -10.58 -0.31 9.01
CA ASP A 260 -10.61 -1.12 10.22
C ASP A 260 -9.81 -0.53 11.38
N ILE A 261 -8.77 0.23 11.07
CA ILE A 261 -7.91 0.83 12.09
C ILE A 261 -7.97 2.35 11.95
N LEU A 262 -9.16 2.87 11.73
CA LEU A 262 -9.36 4.30 11.58
C LEU A 262 -9.22 5.12 12.88
N LYS A 263 -9.79 4.67 14.00
CA LYS A 263 -9.68 5.44 15.24
C LYS A 263 -8.25 5.61 15.73
N PRO A 264 -7.46 4.52 15.79
CA PRO A 264 -6.07 4.56 16.23
C PRO A 264 -5.21 5.54 15.42
N HIS A 265 -5.53 5.70 14.14
CA HIS A 265 -4.75 6.58 13.25
C HIS A 265 -5.29 7.98 13.16
N ALA A 266 -6.61 8.11 13.24
CA ALA A 266 -7.24 9.41 13.12
C ALA A 266 -7.54 10.08 14.43
N VAL A 267 -7.57 9.32 15.52
CA VAL A 267 -7.84 9.88 16.85
C VAL A 267 -6.63 9.74 17.76
N PHE A 268 -6.29 8.51 18.12
CA PHE A 268 -5.15 8.25 19.01
C PHE A 268 -3.83 8.84 18.48
N TRP A 269 -3.32 8.26 17.39
CA TRP A 269 -2.05 8.69 16.79
C TRP A 269 -1.80 10.21 16.83
N PRO A 270 -2.72 11.03 16.29
CA PRO A 270 -2.53 12.48 16.32
C PRO A 270 -2.31 13.11 17.71
N THR A 271 -3.11 12.74 18.71
CA THR A 271 -2.93 13.30 20.05
C THR A 271 -1.55 12.92 20.59
N MET A 272 -1.06 11.74 20.20
CA MET A 272 0.24 11.24 20.61
C MET A 272 1.39 12.09 20.07
N LEU A 273 1.25 12.47 18.80
CA LEU A 273 2.22 13.30 18.09
C LEU A 273 2.28 14.67 18.74
N LYS A 274 1.11 15.23 18.99
CA LYS A 274 1.00 16.52 19.66
C LYS A 274 1.78 16.45 20.97
N ALA A 275 1.38 15.52 21.82
CA ALA A 275 1.99 15.32 23.13
C ALA A 275 3.48 15.02 23.10
N ALA A 276 3.97 14.47 21.98
CA ALA A 276 5.38 14.13 21.87
C ALA A 276 6.18 15.27 21.25
N GLY A 277 5.48 16.29 20.76
CA GLY A 277 6.15 17.42 20.14
C GLY A 277 6.65 17.07 18.76
N ILE A 278 5.93 16.18 18.09
CA ILE A 278 6.27 15.73 16.75
C ILE A 278 5.21 16.21 15.78
N PRO A 279 5.62 16.79 14.64
CA PRO A 279 4.65 17.28 13.67
C PRO A 279 3.62 16.22 13.27
N MET A 280 2.47 16.69 12.79
CA MET A 280 1.41 15.82 12.35
C MET A 280 1.76 15.28 10.95
N TYR A 281 1.10 14.21 10.53
CA TYR A 281 1.36 13.67 9.21
C TYR A 281 0.63 14.54 8.21
N ARG A 282 0.88 14.33 6.93
CA ARG A 282 0.23 15.14 5.92
C ARG A 282 -1.12 14.57 5.50
N HIS A 283 -1.17 13.28 5.21
CA HIS A 283 -2.43 12.67 4.79
C HIS A 283 -2.65 11.29 5.35
N LEU A 284 -3.89 11.00 5.72
CA LEU A 284 -4.27 9.68 6.19
C LEU A 284 -5.16 9.21 5.05
N ASN A 285 -4.69 8.20 4.32
CA ASN A 285 -5.41 7.70 3.16
C ASN A 285 -6.07 6.36 3.49
N VAL A 286 -7.39 6.42 3.69
CA VAL A 286 -8.17 5.24 4.09
C VAL A 286 -8.85 4.39 3.01
N GLY A 287 -8.50 3.10 3.02
CA GLY A 287 -9.08 2.15 2.08
C GLY A 287 -10.31 1.45 2.64
N GLY A 288 -11.12 0.88 1.75
CA GLY A 288 -12.33 0.18 2.16
C GLY A 288 -12.10 -1.32 2.08
N PHE A 289 -13.17 -2.10 2.20
CA PHE A 289 -13.04 -3.56 2.15
C PHE A 289 -13.03 -4.10 0.73
N LEU A 290 -12.41 -5.27 0.58
CA LEU A 290 -12.35 -5.99 -0.69
C LEU A 290 -13.30 -7.15 -0.41
N LEU A 291 -14.58 -6.94 -0.74
CA LEU A 291 -15.64 -7.90 -0.53
C LEU A 291 -15.56 -9.12 -1.43
N GLY A 292 -16.17 -10.21 -0.99
CA GLY A 292 -16.14 -11.40 -1.80
C GLY A 292 -16.97 -11.19 -3.06
N PRO A 293 -16.99 -12.16 -3.96
CA PRO A 293 -17.78 -12.03 -5.19
C PRO A 293 -19.24 -11.69 -4.89
N ASP A 294 -19.76 -12.22 -3.78
CA ASP A 294 -21.15 -11.97 -3.39
C ASP A 294 -21.38 -10.53 -2.96
N GLY A 295 -20.30 -9.76 -2.85
CA GLY A 295 -20.43 -8.38 -2.43
C GLY A 295 -20.59 -8.30 -0.93
N ARG A 296 -20.45 -9.44 -0.27
CA ARG A 296 -20.55 -9.50 1.18
C ARG A 296 -19.15 -9.68 1.72
N LYS A 297 -18.94 -9.24 2.97
CA LYS A 297 -17.64 -9.33 3.61
C LYS A 297 -17.04 -10.72 3.44
N MET A 298 -15.74 -10.76 3.14
CA MET A 298 -15.05 -12.03 2.94
C MET A 298 -14.98 -12.81 4.25
N SER A 299 -15.64 -13.97 4.27
CA SER A 299 -15.65 -14.83 5.45
C SER A 299 -15.65 -16.29 5.02
N LYS A 300 -14.84 -17.10 5.69
CA LYS A 300 -14.78 -18.53 5.37
C LYS A 300 -16.16 -19.14 5.52
N THR A 301 -16.81 -18.82 6.64
CA THR A 301 -18.15 -19.30 6.95
C THR A 301 -19.04 -18.94 5.77
N LEU A 302 -18.83 -17.75 5.23
CA LEU A 302 -19.59 -17.26 4.09
C LEU A 302 -19.17 -18.03 2.84
N GLY A 303 -17.88 -18.41 2.77
CA GLY A 303 -17.37 -19.14 1.63
C GLY A 303 -17.03 -18.26 0.44
N ASN A 304 -16.64 -17.02 0.70
CA ASN A 304 -16.29 -16.09 -0.36
C ASN A 304 -14.88 -15.52 -0.20
N VAL A 305 -13.93 -16.38 0.12
CA VAL A 305 -12.55 -15.97 0.33
C VAL A 305 -11.67 -16.03 -0.91
N VAL A 306 -11.16 -14.87 -1.32
CA VAL A 306 -10.30 -14.78 -2.50
C VAL A 306 -8.84 -14.72 -2.05
N ASP A 307 -8.09 -15.77 -2.36
CA ASP A 307 -6.68 -15.87 -2.00
C ASP A 307 -5.83 -15.16 -3.04
N PRO A 308 -5.06 -14.13 -2.65
CA PRO A 308 -4.20 -13.36 -3.56
C PRO A 308 -2.97 -14.10 -4.07
N PHE A 309 -2.59 -15.15 -3.35
CA PHE A 309 -1.42 -15.91 -3.72
C PHE A 309 -1.77 -17.03 -4.69
N ALA A 310 -3.04 -17.40 -4.73
CA ALA A 310 -3.51 -18.42 -5.65
C ALA A 310 -3.69 -17.69 -6.99
N LEU A 311 -4.31 -16.50 -6.91
CA LEU A 311 -4.54 -15.63 -8.07
C LEU A 311 -3.21 -15.21 -8.67
N LEU A 312 -2.25 -14.95 -7.77
CA LEU A 312 -0.90 -14.55 -8.12
C LEU A 312 -0.21 -15.75 -8.79
N GLU A 313 -0.33 -16.93 -8.18
CA GLU A 313 0.29 -18.13 -8.74
C GLU A 313 -0.26 -18.44 -10.12
N LYS A 314 -1.56 -18.23 -10.29
CA LYS A 314 -2.20 -18.53 -11.57
C LYS A 314 -2.00 -17.51 -12.67
N TYR A 315 -2.08 -16.22 -12.36
CA TYR A 315 -1.92 -15.22 -13.42
C TYR A 315 -0.71 -14.30 -13.39
N GLY A 316 0.18 -14.47 -12.43
CA GLY A 316 1.34 -13.62 -12.39
C GLY A 316 1.17 -12.46 -11.43
N ARG A 317 2.29 -11.98 -10.92
CA ARG A 317 2.32 -10.88 -9.98
C ARG A 317 1.79 -9.58 -10.60
N ASP A 318 2.23 -9.27 -11.81
CA ASP A 318 1.82 -8.03 -12.47
C ASP A 318 0.31 -7.98 -12.76
N ALA A 319 -0.25 -9.12 -13.16
CA ALA A 319 -1.68 -9.20 -13.47
C ALA A 319 -2.54 -8.97 -12.24
N LEU A 320 -2.15 -9.56 -11.11
CA LEU A 320 -2.91 -9.37 -9.88
C LEU A 320 -2.83 -7.93 -9.39
N ARG A 321 -1.67 -7.30 -9.57
CA ARG A 321 -1.44 -5.92 -9.13
C ARG A 321 -2.27 -4.93 -9.94
N TYR A 322 -2.24 -5.09 -11.26
CA TYR A 322 -3.00 -4.22 -12.14
C TYR A 322 -4.49 -4.29 -11.82
N TYR A 323 -5.03 -5.50 -11.77
CA TYR A 323 -6.44 -5.69 -11.47
C TYR A 323 -6.83 -5.03 -10.15
N LEU A 324 -6.00 -5.19 -9.13
CA LEU A 324 -6.28 -4.62 -7.82
C LEU A 324 -6.31 -3.10 -7.85
N LEU A 325 -5.36 -2.51 -8.56
CA LEU A 325 -5.28 -1.06 -8.66
C LEU A 325 -6.32 -0.52 -9.64
N ARG A 326 -6.65 -1.31 -10.64
CA ARG A 326 -7.61 -0.89 -11.66
C ARG A 326 -9.07 -1.14 -11.32
N GLU A 327 -9.36 -2.25 -10.65
CA GLU A 327 -10.72 -2.61 -10.31
C GLU A 327 -11.26 -1.89 -9.10
N ILE A 328 -10.39 -1.43 -8.21
CA ILE A 328 -10.90 -0.77 -7.01
C ILE A 328 -10.60 0.71 -6.83
N PRO A 329 -11.65 1.50 -6.51
CA PRO A 329 -11.54 2.94 -6.26
C PRO A 329 -11.18 2.97 -4.78
N TYR A 330 -9.96 3.39 -4.46
CA TYR A 330 -9.49 3.42 -3.08
C TYR A 330 -10.42 4.14 -2.13
N GLY A 331 -10.82 3.44 -1.08
CA GLY A 331 -11.70 4.02 -0.09
C GLY A 331 -13.05 3.35 -0.16
N GLN A 332 -13.37 2.75 -1.31
CA GLN A 332 -14.65 2.09 -1.52
C GLN A 332 -14.64 0.57 -1.39
N ASP A 333 -15.61 0.07 -0.65
CA ASP A 333 -15.76 -1.37 -0.47
C ASP A 333 -16.08 -1.93 -1.86
N THR A 334 -15.25 -2.83 -2.36
CA THR A 334 -15.44 -3.37 -3.69
C THR A 334 -15.27 -4.90 -3.73
N PRO A 335 -16.23 -5.62 -4.35
CA PRO A 335 -16.12 -7.07 -4.43
C PRO A 335 -15.05 -7.47 -5.43
N VAL A 336 -14.27 -8.49 -5.06
CA VAL A 336 -13.21 -8.99 -5.91
C VAL A 336 -13.54 -10.44 -6.24
N SER A 337 -12.92 -10.98 -7.29
CA SER A 337 -13.15 -12.36 -7.70
C SER A 337 -12.11 -12.77 -8.74
N GLU A 338 -11.94 -14.07 -8.93
CA GLU A 338 -10.99 -14.55 -9.91
C GLU A 338 -11.47 -14.32 -11.32
N GLU A 339 -12.79 -14.45 -11.52
CA GLU A 339 -13.41 -14.26 -12.83
C GLU A 339 -13.28 -12.82 -13.31
N ALA A 340 -13.24 -11.88 -12.37
CA ALA A 340 -13.10 -10.46 -12.69
C ALA A 340 -11.66 -10.19 -13.05
N LEU A 341 -10.75 -10.88 -12.36
CA LEU A 341 -9.33 -10.76 -12.60
C LEU A 341 -9.06 -11.36 -13.98
N ARG A 342 -9.68 -12.51 -14.22
CA ARG A 342 -9.54 -13.25 -15.48
C ARG A 342 -9.92 -12.43 -16.71
N THR A 343 -11.12 -11.85 -16.69
CA THR A 343 -11.62 -11.04 -17.81
C THR A 343 -10.79 -9.77 -18.05
N ARG A 344 -10.27 -9.20 -16.96
CA ARG A 344 -9.44 -8.01 -17.05
C ARG A 344 -8.11 -8.45 -17.69
N TYR A 345 -7.63 -9.61 -17.25
CA TYR A 345 -6.39 -10.20 -17.76
C TYR A 345 -6.45 -10.45 -19.27
N GLU A 346 -7.43 -11.24 -19.70
CA GLU A 346 -7.60 -11.56 -21.13
C GLU A 346 -7.79 -10.34 -22.01
N ALA A 347 -8.60 -9.40 -21.51
CA ALA A 347 -8.91 -8.18 -22.23
C ALA A 347 -7.84 -7.09 -22.17
N ASP A 348 -7.67 -6.50 -21.00
CA ASP A 348 -6.72 -5.41 -20.83
C ASP A 348 -5.28 -5.77 -21.10
N LEU A 349 -4.85 -6.89 -20.52
CA LEU A 349 -3.47 -7.34 -20.65
C LEU A 349 -3.20 -8.22 -21.84
N ALA A 350 -3.77 -9.42 -21.85
CA ALA A 350 -3.57 -10.35 -22.94
C ALA A 350 -3.92 -9.78 -24.32
N ASP A 351 -5.07 -9.15 -24.45
CA ASP A 351 -5.48 -8.60 -25.75
C ASP A 351 -5.00 -7.19 -26.11
N ASP A 352 -5.31 -6.20 -25.27
CA ASP A 352 -4.95 -4.81 -25.53
C ASP A 352 -3.47 -4.48 -25.59
N LEU A 353 -2.66 -5.11 -24.74
CA LEU A 353 -1.23 -4.83 -24.72
C LEU A 353 -0.42 -5.94 -25.36
N GLY A 354 -0.50 -7.13 -24.78
CA GLY A 354 0.25 -8.26 -25.29
C GLY A 354 0.09 -8.50 -26.78
N ASN A 355 -1.14 -8.58 -27.25
CA ASN A 355 -1.35 -8.83 -28.65
C ASN A 355 -0.85 -7.73 -29.57
N LEU A 356 -1.14 -6.48 -29.27
CA LEU A 356 -0.67 -5.39 -30.13
C LEU A 356 0.86 -5.33 -30.20
N VAL A 357 1.54 -5.75 -29.14
CA VAL A 357 3.00 -5.73 -29.15
C VAL A 357 3.50 -6.80 -30.11
N GLN A 358 2.92 -8.00 -30.01
CA GLN A 358 3.29 -9.13 -30.85
C GLN A 358 2.92 -8.95 -32.33
N ARG A 359 1.75 -8.37 -32.59
CA ARG A 359 1.34 -8.16 -33.97
C ARG A 359 2.09 -6.96 -34.54
N THR A 360 2.60 -6.08 -33.67
CA THR A 360 3.34 -4.92 -34.14
C THR A 360 4.77 -5.37 -34.42
N ARG A 361 5.23 -6.36 -33.68
CA ARG A 361 6.58 -6.87 -33.86
C ARG A 361 6.60 -7.60 -35.21
N ALA A 362 5.55 -8.36 -35.47
CA ALA A 362 5.38 -9.12 -36.70
C ALA A 362 5.34 -8.20 -37.91
N MET A 363 4.66 -7.08 -37.77
CA MET A 363 4.54 -6.10 -38.83
C MET A 363 5.83 -5.32 -39.04
N LEU A 364 6.70 -5.35 -38.05
CA LEU A 364 7.96 -4.64 -38.15
C LEU A 364 8.87 -5.41 -39.06
N PHE A 365 8.92 -6.72 -38.84
CA PHE A 365 9.75 -7.59 -39.64
C PHE A 365 9.30 -7.54 -41.11
N ARG A 366 7.99 -7.65 -41.30
CA ARG A 366 7.39 -7.64 -42.64
C ARG A 366 7.56 -6.34 -43.41
N PHE A 367 7.08 -5.24 -42.84
CA PHE A 367 7.11 -3.96 -43.52
C PHE A 367 8.18 -2.92 -43.17
N ALA A 368 9.01 -3.17 -42.16
CA ALA A 368 10.05 -2.21 -41.78
C ALA A 368 11.40 -2.86 -41.57
N GLU A 369 11.53 -4.09 -42.05
CA GLU A 369 12.75 -4.87 -41.95
C GLU A 369 13.28 -5.16 -40.56
N GLY A 370 12.38 -5.55 -39.68
CA GLY A 370 12.74 -5.89 -38.30
C GLY A 370 13.54 -4.90 -37.49
N ARG A 371 13.19 -3.63 -37.61
CA ARG A 371 13.88 -2.60 -36.86
C ARG A 371 12.93 -1.43 -36.70
N ILE A 372 13.11 -0.64 -35.64
CA ILE A 372 12.24 0.51 -35.43
C ILE A 372 12.43 1.50 -36.58
N PRO A 373 11.33 1.93 -37.19
CA PRO A 373 11.43 2.88 -38.30
C PRO A 373 12.00 4.23 -37.86
N GLU A 374 12.52 5.01 -38.79
CA GLU A 374 13.07 6.32 -38.47
C GLU A 374 11.93 7.15 -37.89
N PRO A 375 12.20 7.86 -36.79
CA PRO A 375 11.21 8.71 -36.11
C PRO A 375 10.42 9.69 -37.00
N VAL A 376 9.12 9.80 -36.75
CA VAL A 376 8.27 10.74 -37.50
C VAL A 376 7.51 11.61 -36.51
N ALA A 377 6.30 12.01 -36.88
CA ALA A 377 5.46 12.85 -36.04
C ALA A 377 4.30 12.01 -35.54
N GLY A 378 3.88 12.25 -34.31
CA GLY A 378 2.79 11.48 -33.75
C GLY A 378 1.42 11.84 -34.25
N GLU A 379 1.24 13.10 -34.65
CA GLU A 379 -0.05 13.58 -35.12
C GLU A 379 -1.15 13.33 -34.10
N GLU A 380 -2.06 12.42 -34.41
CA GLU A 380 -3.15 12.09 -33.51
C GLU A 380 -2.66 11.42 -32.23
N LEU A 381 -1.62 10.62 -32.37
CA LEU A 381 -1.06 9.88 -31.25
C LEU A 381 -0.13 10.69 -30.33
N ALA A 382 0.20 11.91 -30.72
CA ALA A 382 1.09 12.75 -29.92
C ALA A 382 0.51 13.20 -28.59
N GLU A 383 -0.82 13.22 -28.50
CA GLU A 383 -1.49 13.63 -27.27
C GLU A 383 -1.22 12.70 -26.09
N GLY A 384 -0.56 11.57 -26.35
CA GLY A 384 -0.28 10.63 -25.28
C GLY A 384 0.82 11.11 -24.35
N THR A 385 1.58 12.10 -24.80
CA THR A 385 2.68 12.64 -24.00
C THR A 385 2.21 13.59 -22.91
N GLY A 386 0.93 13.96 -22.95
CA GLY A 386 0.36 14.85 -21.95
C GLY A 386 -0.41 14.05 -20.91
N LEU A 387 -0.24 12.73 -20.93
CA LEU A 387 -0.92 11.86 -20.00
C LEU A 387 -0.23 11.87 -18.65
N ALA A 388 1.09 11.95 -18.65
CA ALA A 388 1.85 11.99 -17.41
C ALA A 388 1.34 13.15 -16.57
N GLY A 389 1.07 14.28 -17.22
CA GLY A 389 0.57 15.44 -16.52
C GLY A 389 -0.83 15.25 -15.99
N ARG A 390 -1.63 14.41 -16.65
CA ARG A 390 -3.01 14.16 -16.23
C ARG A 390 -3.09 13.15 -15.09
N LEU A 391 -2.20 12.16 -15.12
CA LEU A 391 -2.15 11.10 -14.12
C LEU A 391 -1.55 11.50 -12.79
N ARG A 392 -0.65 12.49 -12.77
CA ARG A 392 -0.03 12.92 -11.50
C ARG A 392 -1.08 13.24 -10.42
N PRO A 393 -1.92 14.28 -10.62
CA PRO A 393 -2.92 14.59 -9.61
C PRO A 393 -3.89 13.45 -9.31
N LEU A 394 -4.23 12.65 -10.31
CA LEU A 394 -5.14 11.53 -10.10
C LEU A 394 -4.54 10.58 -9.10
N VAL A 395 -3.26 10.28 -9.32
CA VAL A 395 -2.51 9.37 -8.46
C VAL A 395 -2.36 9.95 -7.06
N ARG A 396 -1.87 11.18 -6.98
CA ARG A 396 -1.68 11.84 -5.70
C ARG A 396 -3.00 12.04 -4.96
N GLU A 397 -4.11 12.06 -5.70
CA GLU A 397 -5.43 12.23 -5.09
C GLU A 397 -6.17 10.89 -4.97
N LEU A 398 -5.39 9.81 -4.96
CA LEU A 398 -5.84 8.41 -4.83
C LEU A 398 -6.80 7.86 -5.88
N LYS A 399 -6.66 8.32 -7.12
CA LYS A 399 -7.49 7.84 -8.22
C LYS A 399 -6.68 6.93 -9.13
N PHE A 400 -6.24 5.78 -8.61
CA PHE A 400 -5.42 4.83 -9.35
C PHE A 400 -6.15 4.11 -10.48
N HIS A 401 -7.42 3.80 -10.27
CA HIS A 401 -8.21 3.11 -11.28
C HIS A 401 -8.43 4.05 -12.46
N VAL A 402 -8.72 5.31 -12.17
CA VAL A 402 -8.94 6.29 -13.22
C VAL A 402 -7.66 6.58 -13.99
N ALA A 403 -6.54 6.61 -13.26
CA ALA A 403 -5.24 6.85 -13.88
C ALA A 403 -4.94 5.71 -14.85
N LEU A 404 -5.10 4.48 -14.39
CA LEU A 404 -4.84 3.31 -15.20
C LEU A 404 -5.82 3.25 -16.35
N GLU A 405 -7.04 3.71 -16.10
CA GLU A 405 -8.09 3.74 -17.10
C GLU A 405 -7.75 4.66 -18.27
N GLU A 406 -7.06 5.75 -17.98
CA GLU A 406 -6.67 6.72 -19.00
C GLU A 406 -5.44 6.29 -19.78
N ALA A 407 -4.51 5.59 -19.12
CA ALA A 407 -3.30 5.13 -19.79
C ALA A 407 -3.63 3.99 -20.74
N MET A 408 -4.52 3.13 -20.29
CA MET A 408 -4.95 1.97 -21.04
C MET A 408 -5.87 2.36 -22.17
N ALA A 409 -6.47 3.54 -22.08
CA ALA A 409 -7.37 4.04 -23.11
C ALA A 409 -6.52 4.50 -24.28
N TYR A 410 -5.31 4.96 -23.97
CA TYR A 410 -4.38 5.43 -24.98
C TYR A 410 -3.90 4.22 -25.74
N VAL A 411 -3.75 3.10 -25.02
CA VAL A 411 -3.32 1.85 -25.61
C VAL A 411 -4.42 1.29 -26.52
N LYS A 412 -5.67 1.45 -26.11
CA LYS A 412 -6.82 1.01 -26.89
C LYS A 412 -6.81 1.88 -28.13
N ALA A 413 -6.52 3.17 -27.92
CA ALA A 413 -6.46 4.13 -29.00
C ALA A 413 -5.37 3.77 -29.99
N LEU A 414 -4.30 3.15 -29.49
CA LEU A 414 -3.17 2.72 -30.34
C LEU A 414 -3.60 1.58 -31.24
N ASN A 415 -4.35 0.64 -30.68
CA ASN A 415 -4.86 -0.49 -31.47
C ASN A 415 -5.75 0.12 -32.56
N ARG A 416 -6.74 0.87 -32.11
CA ARG A 416 -7.69 1.58 -32.97
C ARG A 416 -6.95 2.19 -34.16
N TYR A 417 -5.85 2.87 -33.87
CA TYR A 417 -5.05 3.51 -34.89
C TYR A 417 -4.60 2.54 -35.97
N ILE A 418 -3.74 1.60 -35.60
CA ILE A 418 -3.23 0.63 -36.57
C ILE A 418 -4.36 -0.05 -37.36
N ASN A 419 -5.38 -0.52 -36.66
CA ASN A 419 -6.50 -1.18 -37.31
C ASN A 419 -7.19 -0.23 -38.27
N GLU A 420 -7.15 1.06 -37.97
CA GLU A 420 -7.78 2.08 -38.81
C GLU A 420 -6.92 2.51 -40.01
N LYS A 421 -5.61 2.59 -39.82
CA LYS A 421 -4.72 3.00 -40.90
C LYS A 421 -4.46 1.81 -41.81
N LYS A 422 -4.36 0.63 -41.22
CA LYS A 422 -4.12 -0.60 -41.99
C LYS A 422 -2.75 -0.58 -42.66
N PRO A 423 -1.68 -0.66 -41.86
CA PRO A 423 -0.30 -0.64 -42.36
C PRO A 423 0.00 -1.67 -43.46
N TRP A 424 -0.76 -2.76 -43.48
CA TRP A 424 -0.56 -3.79 -44.50
C TRP A 424 -1.22 -3.32 -45.81
N GLU A 425 -2.27 -2.53 -45.67
CA GLU A 425 -2.99 -1.98 -46.83
C GLU A 425 -2.17 -0.81 -47.38
N LEU A 426 -1.38 -0.20 -46.50
CA LEU A 426 -0.56 0.96 -46.84
C LEU A 426 0.78 0.66 -47.52
N PHE A 427 1.31 -0.53 -47.28
CA PHE A 427 2.58 -0.90 -47.87
C PHE A 427 2.54 -0.88 -49.39
N LYS A 428 1.40 -1.24 -49.94
CA LYS A 428 1.23 -1.27 -51.40
C LYS A 428 1.29 0.13 -51.98
N LYS A 429 0.51 1.05 -51.41
CA LYS A 429 0.50 2.43 -51.88
C LYS A 429 1.77 3.14 -51.46
N GLU A 430 1.78 3.56 -50.20
CA GLU A 430 2.90 4.29 -49.63
C GLU A 430 3.47 3.60 -48.40
N PRO A 431 4.56 2.84 -48.58
CA PRO A 431 5.24 2.12 -47.49
C PRO A 431 5.92 3.04 -46.49
N GLU A 432 5.90 4.34 -46.79
CA GLU A 432 6.49 5.32 -45.89
C GLU A 432 5.43 5.65 -44.87
N GLU A 433 4.21 5.85 -45.36
CA GLU A 433 3.08 6.15 -44.49
C GLU A 433 2.68 4.87 -43.80
N ALA A 434 3.35 3.78 -44.18
CA ALA A 434 3.09 2.48 -43.59
C ALA A 434 4.03 2.33 -42.40
N ARG A 435 5.22 2.87 -42.54
CA ARG A 435 6.24 2.83 -41.49
C ARG A 435 5.99 3.93 -40.45
N ALA A 436 5.51 5.08 -40.92
CA ALA A 436 5.20 6.21 -40.05
C ALA A 436 4.14 5.76 -39.06
N VAL A 437 3.14 5.03 -39.55
CA VAL A 437 2.05 4.51 -38.72
C VAL A 437 2.65 3.52 -37.69
N LEU A 438 3.57 2.68 -38.14
CA LEU A 438 4.17 1.71 -37.24
C LEU A 438 5.05 2.39 -36.19
N TYR A 439 5.78 3.45 -36.58
CA TYR A 439 6.63 4.15 -35.60
C TYR A 439 5.78 4.84 -34.54
N ARG A 440 4.61 5.34 -34.96
CA ARG A 440 3.71 6.00 -34.03
C ARG A 440 3.18 5.00 -33.01
N VAL A 441 3.06 3.74 -33.43
CA VAL A 441 2.56 2.67 -32.56
C VAL A 441 3.62 2.28 -31.53
N VAL A 442 4.87 2.22 -31.99
CA VAL A 442 5.99 1.87 -31.14
C VAL A 442 6.19 2.96 -30.08
N GLU A 443 6.32 4.21 -30.53
CA GLU A 443 6.52 5.34 -29.62
C GLU A 443 5.37 5.44 -28.62
N GLY A 444 4.15 5.21 -29.09
CA GLY A 444 3.00 5.26 -28.21
C GLY A 444 3.05 4.14 -27.19
N LEU A 445 3.55 2.97 -27.60
CA LEU A 445 3.66 1.83 -26.72
C LEU A 445 4.71 2.13 -25.65
N ARG A 446 5.78 2.81 -26.05
CA ARG A 446 6.87 3.21 -25.14
C ARG A 446 6.30 4.07 -24.03
N ILE A 447 5.61 5.13 -24.44
CA ILE A 447 4.98 6.08 -23.52
C ILE A 447 4.02 5.40 -22.55
N ALA A 448 3.08 4.62 -23.08
CA ALA A 448 2.11 3.93 -22.23
C ALA A 448 2.81 2.99 -21.26
N SER A 449 3.83 2.29 -21.75
CA SER A 449 4.57 1.35 -20.92
C SER A 449 5.19 2.03 -19.71
N ILE A 450 5.62 3.28 -19.86
CA ILE A 450 6.22 4.00 -18.74
C ILE A 450 5.15 4.24 -17.69
N LEU A 451 3.98 4.68 -18.16
CA LEU A 451 2.85 4.97 -17.29
C LEU A 451 2.40 3.76 -16.47
N LEU A 452 2.46 2.58 -17.08
CA LEU A 452 2.02 1.36 -16.42
C LEU A 452 3.12 0.66 -15.62
N THR A 453 4.35 1.16 -15.67
CA THR A 453 5.44 0.53 -14.93
C THR A 453 5.22 0.41 -13.41
N PRO A 454 4.77 1.48 -12.74
CA PRO A 454 4.55 1.35 -11.28
C PRO A 454 3.56 0.23 -10.87
N ALA A 455 2.66 -0.13 -11.78
CA ALA A 455 1.68 -1.20 -11.51
C ALA A 455 2.21 -2.57 -11.97
N MET A 456 3.04 -2.56 -13.00
CA MET A 456 3.60 -3.79 -13.56
C MET A 456 5.06 -3.62 -13.95
N PRO A 457 5.94 -3.41 -12.97
CA PRO A 457 7.38 -3.23 -13.21
C PRO A 457 8.04 -4.16 -14.21
N ASP A 458 8.08 -5.45 -13.89
CA ASP A 458 8.73 -6.47 -14.71
C ASP A 458 8.21 -6.63 -16.13
N LYS A 459 6.89 -6.69 -16.27
CA LYS A 459 6.30 -6.88 -17.59
C LYS A 459 6.49 -5.70 -18.51
N MET A 460 6.42 -4.49 -17.96
CA MET A 460 6.60 -3.32 -18.80
C MET A 460 8.06 -3.21 -19.21
N ALA A 461 8.97 -3.67 -18.35
CA ALA A 461 10.40 -3.64 -18.67
C ALA A 461 10.59 -4.63 -19.79
N GLU A 462 9.91 -5.78 -19.69
CA GLU A 462 9.96 -6.84 -20.69
C GLU A 462 9.37 -6.40 -22.02
N LEU A 463 8.29 -5.62 -21.96
CA LEU A 463 7.63 -5.11 -23.16
C LEU A 463 8.62 -4.21 -23.89
N ARG A 464 9.32 -3.39 -23.11
CA ARG A 464 10.33 -2.48 -23.64
C ARG A 464 11.37 -3.28 -24.40
N ARG A 465 11.75 -4.42 -23.81
CA ARG A 465 12.74 -5.34 -24.37
C ARG A 465 12.30 -5.92 -25.71
N ALA A 466 11.06 -6.38 -25.74
CA ALA A 466 10.47 -7.00 -26.92
C ALA A 466 10.39 -6.07 -28.14
N LEU A 467 10.55 -4.77 -27.90
CA LEU A 467 10.50 -3.77 -28.96
C LEU A 467 11.88 -3.10 -29.10
N GLY A 468 12.87 -3.60 -28.38
CA GLY A 468 14.20 -3.02 -28.47
C GLY A 468 14.30 -1.58 -27.98
N LEU A 469 13.58 -1.23 -26.91
CA LEU A 469 13.61 0.12 -26.37
C LEU A 469 14.45 0.20 -25.09
N LYS A 470 14.78 1.41 -24.66
CA LYS A 470 15.54 1.64 -23.44
C LYS A 470 14.73 1.07 -22.29
N GLU A 471 15.27 0.06 -21.62
CA GLU A 471 14.58 -0.60 -20.52
C GLU A 471 14.23 0.24 -19.29
N GLU A 472 15.23 0.82 -18.64
CA GLU A 472 15.02 1.63 -17.44
C GLU A 472 14.49 2.98 -17.88
N VAL A 473 13.47 3.47 -17.18
CA VAL A 473 12.87 4.73 -17.58
C VAL A 473 12.63 5.77 -16.48
N ARG A 474 12.02 6.88 -16.90
CA ARG A 474 11.68 8.00 -16.03
C ARG A 474 10.39 8.58 -16.58
N LEU A 475 9.51 9.08 -15.70
CA LEU A 475 8.25 9.66 -16.13
C LEU A 475 8.38 10.80 -17.15
N GLU A 476 9.43 11.61 -17.03
CA GLU A 476 9.65 12.72 -17.94
C GLU A 476 9.83 12.25 -19.39
N GLU A 477 10.44 11.08 -19.55
CA GLU A 477 10.67 10.50 -20.86
C GLU A 477 9.35 10.24 -21.59
N ALA A 478 8.26 10.19 -20.83
CA ALA A 478 6.95 9.96 -21.38
C ALA A 478 6.28 11.27 -21.76
N GLU A 479 6.95 12.39 -21.49
CA GLU A 479 6.36 13.68 -21.82
C GLU A 479 6.89 14.27 -23.12
N ARG A 480 7.87 13.60 -23.73
CA ARG A 480 8.47 14.04 -25.00
C ARG A 480 8.23 13.01 -26.10
N TRP A 481 7.88 13.49 -27.29
CA TRP A 481 7.62 12.60 -28.41
C TRP A 481 8.83 12.38 -29.33
N GLY A 482 9.00 11.14 -29.79
CA GLY A 482 10.09 10.82 -30.71
C GLY A 482 11.36 10.24 -30.11
N LEU A 483 11.27 9.62 -28.93
CA LEU A 483 12.45 9.07 -28.28
C LEU A 483 12.79 7.61 -28.59
N ALA A 484 11.87 6.89 -29.22
CA ALA A 484 12.14 5.50 -29.60
C ALA A 484 13.17 5.58 -30.70
N GLU A 485 14.25 4.83 -30.57
CA GLU A 485 15.34 4.83 -31.55
C GLU A 485 15.18 3.75 -32.62
N PRO A 486 15.40 4.11 -33.90
CA PRO A 486 15.29 3.17 -35.03
C PRO A 486 16.40 2.14 -35.10
N ARG A 487 16.45 1.26 -34.10
CA ARG A 487 17.43 0.21 -34.06
C ARG A 487 16.66 -1.10 -34.23
N PRO A 488 17.37 -2.23 -34.41
CA PRO A 488 16.72 -3.53 -34.58
C PRO A 488 16.04 -4.06 -33.30
N ILE A 489 14.85 -4.62 -33.47
CA ILE A 489 14.12 -5.21 -32.35
C ILE A 489 14.62 -6.64 -32.26
N PRO A 490 14.51 -7.26 -31.08
CA PRO A 490 14.97 -8.64 -30.87
C PRO A 490 14.30 -9.65 -31.82
N GLU A 491 15.10 -10.50 -32.44
CA GLU A 491 14.57 -11.50 -33.36
C GLU A 491 13.56 -12.40 -32.65
N GLU A 492 13.69 -12.53 -31.34
CA GLU A 492 12.77 -13.36 -30.56
C GLU A 492 12.32 -12.75 -29.23
N ALA A 493 11.04 -12.92 -28.93
CA ALA A 493 10.43 -12.40 -27.72
C ALA A 493 9.21 -13.24 -27.33
N PRO A 494 9.15 -13.67 -26.06
CA PRO A 494 8.00 -14.48 -25.61
C PRO A 494 6.73 -13.67 -25.64
N VAL A 495 5.61 -14.31 -25.32
CA VAL A 495 4.33 -13.61 -25.29
C VAL A 495 4.20 -12.95 -23.92
N LEU A 496 4.03 -11.63 -23.94
CA LEU A 496 3.89 -10.81 -22.75
C LEU A 496 2.94 -11.42 -21.71
N PHE A 497 1.67 -11.57 -22.09
CA PHE A 497 0.69 -12.14 -21.19
C PHE A 497 0.13 -13.41 -21.79
N PRO A 498 0.79 -14.56 -21.52
CA PRO A 498 0.43 -15.90 -21.98
C PRO A 498 -0.98 -16.35 -21.61
N LYS A 499 -1.57 -17.16 -22.48
CA LYS A 499 -2.93 -17.67 -22.26
C LYS A 499 -3.03 -18.43 -20.94
N LYS A 500 -4.04 -18.07 -20.16
CA LYS A 500 -4.28 -18.71 -18.88
C LYS A 500 -5.52 -19.57 -19.03
#